data_5JJD
#
_entry.id   5JJD
#
_cell.length_a   59.761
_cell.length_b   60.914
_cell.length_c   95.804
_cell.angle_alpha   90.00
_cell.angle_beta   90.00
_cell.angle_gamma   90.00
#
_symmetry.space_group_name_H-M   'P 21 21 21'
#
loop_
_entity.id
_entity.type
_entity.pdbx_description
1 polymer 'Collagen type IV alpha-3-binding protein'
2 polymer 'Collagen type IV alpha-3-binding protein'
3 non-polymer DI(HYDROXYETHYL)ETHER
4 non-polymer 'TRIETHYLENE GLYCOL'
5 water water
#
loop_
_entity_poly.entity_id
_entity_poly.type
_entity_poly.pdbx_seq_one_letter_code
_entity_poly.pdbx_strand_id
1 'polypeptide(L)'
;GEFSGPPVERCGVLSKWTNYIHGWQDRWVVLKNNALSYYKSEDETEYGCRGSICLSKAVITPHDFDECRFDISVNDSVWY
LRAQDPDHRQQWIDAIEQHKTESGYG
;
A
2 'polypeptide(L)'
;GHMAMEFSSVGTHRFVQKVEEMVQNHMTYSLQDVGGDANWQLVVEEGEMKVYRREVEENGIVLDPLKATHAVKGVTGHEV
CNYFWNVDVRNDWETTIENFHVVETLADNAIIIYQTHKRVWPASQRDVLYLSVIRKIPALTENDPETWIVCNFSVDHDSA
PLNNRCVRAKINVAMICQTLVSPPEGNQEISRDNILCKITYVANVNPGGWAPASVLRAVAKREYPKFLKRFTSYVQEKTA
GKPILF
;
B
#
loop_
_chem_comp.id
_chem_comp.type
_chem_comp.name
_chem_comp.formula
PEG non-polymer DI(HYDROXYETHYL)ETHER 'C4 H10 O3'
PGE non-polymer 'TRIETHYLENE GLYCOL' 'C6 H14 O4'
#
# COMPACT_ATOMS: atom_id res chain seq x y z
N VAL A 8 -9.16 35.66 1.69
CA VAL A 8 -9.24 35.28 3.09
C VAL A 8 -8.15 34.24 3.39
N GLU A 9 -6.92 34.71 3.57
CA GLU A 9 -5.82 33.83 3.92
C GLU A 9 -5.48 33.97 5.39
N ARG A 10 -4.76 32.98 5.91
CA ARG A 10 -4.38 32.97 7.31
C ARG A 10 -3.13 32.11 7.46
N CYS A 11 -2.29 32.49 8.42
CA CYS A 11 -1.13 31.68 8.76
C CYS A 11 -0.87 31.79 10.26
N GLY A 12 -0.16 30.80 10.78
CA GLY A 12 0.16 30.76 12.19
C GLY A 12 0.73 29.42 12.56
N VAL A 13 1.28 29.37 13.77
CA VAL A 13 1.86 28.13 14.29
C VAL A 13 0.74 27.21 14.75
N LEU A 14 0.88 25.93 14.42
CA LEU A 14 -0.03 24.90 14.90
C LEU A 14 0.77 23.63 15.16
N SER A 15 0.29 22.82 16.09
CA SER A 15 0.90 21.54 16.40
C SER A 15 0.33 20.50 15.43
N LYS A 16 1.21 19.85 14.69
CA LYS A 16 0.82 18.88 13.68
C LYS A 16 1.39 17.52 14.04
N TRP A 17 0.56 16.49 13.98
CA TRP A 17 1.05 15.12 14.08
C TRP A 17 1.82 14.79 12.81
N THR A 18 3.09 14.41 12.96
CA THR A 18 3.94 14.16 11.81
C THR A 18 4.02 12.67 11.50
N ASN A 19 4.87 11.93 12.23
CA ASN A 19 5.07 10.51 11.99
C ASN A 19 5.10 9.78 13.32
N TYR A 20 5.26 8.45 13.25
CA TYR A 20 5.18 7.62 14.44
C TYR A 20 6.37 7.80 15.38
N ILE A 21 7.43 8.46 14.93
CA ILE A 21 8.57 8.76 15.80
C ILE A 21 8.36 10.07 16.54
N HIS A 22 8.10 11.14 15.80
CA HIS A 22 8.05 12.48 16.37
C HIS A 22 6.68 12.85 16.92
N GLY A 23 5.61 12.31 16.35
CA GLY A 23 4.27 12.67 16.81
C GLY A 23 3.99 14.13 16.59
N TRP A 24 3.51 14.80 17.64
CA TRP A 24 3.11 16.19 17.53
C TRP A 24 4.34 17.10 17.50
N GLN A 25 4.38 18.01 16.53
CA GLN A 25 5.45 18.98 16.40
C GLN A 25 4.88 20.31 15.94
N ASP A 26 5.43 21.39 16.46
CA ASP A 26 4.99 22.72 16.06
C ASP A 26 5.43 23.01 14.63
N ARG A 27 4.51 23.53 13.83
CA ARG A 27 4.75 23.81 12.43
C ARG A 27 4.03 25.08 12.02
N TRP A 28 4.47 25.66 10.92
CA TRP A 28 3.89 26.89 10.38
C TRP A 28 2.90 26.53 9.29
N VAL A 29 1.63 26.87 9.50
CA VAL A 29 0.55 26.50 8.60
C VAL A 29 0.04 27.76 7.89
N VAL A 30 -0.29 27.61 6.61
CA VAL A 30 -0.73 28.71 5.78
C VAL A 30 -1.97 28.28 5.01
N LEU A 31 -3.04 29.07 5.11
CA LEU A 31 -4.29 28.84 4.40
C LEU A 31 -4.37 29.81 3.24
N LYS A 32 -4.27 29.29 2.02
CA LYS A 32 -4.26 30.13 0.84
C LYS A 32 -4.38 29.25 -0.41
N ASN A 33 -4.96 29.82 -1.47
CA ASN A 33 -5.12 29.12 -2.74
C ASN A 33 -5.95 27.85 -2.57
N ASN A 34 -7.06 27.98 -1.86
CA ASN A 34 -8.00 26.88 -1.62
C ASN A 34 -7.26 25.64 -1.13
N ALA A 35 -6.24 25.85 -0.30
CA ALA A 35 -5.47 24.74 0.21
C ALA A 35 -4.78 25.15 1.51
N LEU A 36 -4.34 24.14 2.25
CA LEU A 36 -3.48 24.33 3.41
C LEU A 36 -2.08 23.85 3.08
N SER A 37 -1.08 24.64 3.49
CA SER A 37 0.31 24.28 3.34
C SER A 37 1.00 24.47 4.68
N TYR A 38 1.99 23.63 4.97
CA TYR A 38 2.69 23.70 6.24
C TYR A 38 4.20 23.67 6.01
N TYR A 39 4.91 24.40 6.86
CA TYR A 39 6.36 24.53 6.80
C TYR A 39 6.93 24.26 8.18
N LYS A 40 8.26 24.16 8.25
CA LYS A 40 8.93 23.99 9.54
C LYS A 40 8.65 25.20 10.43
N SER A 41 8.86 26.40 9.92
CA SER A 41 8.60 27.63 10.66
C SER A 41 8.26 28.73 9.68
N GLU A 42 7.93 29.91 10.20
CA GLU A 42 7.61 31.04 9.33
C GLU A 42 8.81 31.46 8.49
N ASP A 43 10.03 31.20 8.99
CA ASP A 43 11.23 31.67 8.30
C ASP A 43 11.49 30.92 7.00
N GLU A 44 10.99 29.69 6.87
CA GLU A 44 11.30 28.84 5.73
C GLU A 44 10.12 28.72 4.77
N THR A 45 9.29 29.76 4.67
CA THR A 45 8.21 29.77 3.69
C THR A 45 8.78 29.86 2.28
N GLU A 46 9.77 30.73 2.07
CA GLU A 46 10.45 30.85 0.77
C GLU A 46 11.49 29.77 0.57
N TYR A 47 11.19 28.52 0.93
CA TYR A 47 12.16 27.44 0.81
C TYR A 47 11.48 26.10 0.54
N GLY A 48 10.35 26.12 -0.18
CA GLY A 48 9.62 24.91 -0.47
C GLY A 48 8.73 24.48 0.67
N CYS A 49 7.50 24.08 0.35
N CYS A 49 7.51 24.06 0.33
CA CYS A 49 6.56 23.63 1.38
CA CYS A 49 6.55 23.60 1.31
C CYS A 49 6.78 22.16 1.69
C CYS A 49 6.82 22.14 1.69
N ARG A 50 6.63 21.82 2.98
CA ARG A 50 6.82 20.45 3.43
C ARG A 50 5.60 19.57 3.16
N GLY A 51 4.44 20.17 2.92
CA GLY A 51 3.24 19.41 2.65
C GLY A 51 2.02 20.31 2.51
N SER A 52 1.12 19.95 1.60
CA SER A 52 -0.06 20.76 1.36
C SER A 52 -1.24 19.85 1.07
N ILE A 53 -2.44 20.41 1.21
CA ILE A 53 -3.68 19.65 1.02
C ILE A 53 -4.73 20.59 0.46
N CYS A 54 -5.38 20.16 -0.62
CA CYS A 54 -6.44 20.96 -1.24
C CYS A 54 -7.73 20.81 -0.45
N LEU A 55 -8.49 21.90 -0.37
CA LEU A 55 -9.68 21.96 0.47
C LEU A 55 -10.98 21.75 -0.29
N SER A 56 -10.93 21.51 -1.60
CA SER A 56 -12.15 21.37 -2.39
C SER A 56 -13.09 20.34 -1.76
N LYS A 57 -12.59 19.12 -1.54
CA LYS A 57 -13.39 18.02 -1.04
C LYS A 57 -12.98 17.62 0.38
N ALA A 58 -12.49 18.58 1.16
CA ALA A 58 -11.98 18.30 2.49
C ALA A 58 -13.08 18.44 3.53
N VAL A 59 -12.97 17.62 4.58
CA VAL A 59 -13.86 17.69 5.74
C VAL A 59 -13.02 18.06 6.95
N ILE A 60 -13.51 19.03 7.72
CA ILE A 60 -12.81 19.54 8.90
C ILE A 60 -13.58 19.08 10.12
N THR A 61 -13.05 18.08 10.83
CA THR A 61 -13.74 17.48 11.97
C THR A 61 -13.03 17.87 13.27
N PRO A 62 -13.66 18.62 14.17
CA PRO A 62 -13.06 18.85 15.48
C PRO A 62 -13.19 17.61 16.36
N HIS A 63 -12.17 17.37 17.18
CA HIS A 63 -12.16 16.21 18.05
C HIS A 63 -13.04 16.45 19.27
N ASP A 64 -13.85 15.45 19.62
CA ASP A 64 -14.82 15.61 20.69
C ASP A 64 -14.14 15.66 22.06
N PHE A 65 -13.11 14.85 22.27
CA PHE A 65 -12.44 14.75 23.56
C PHE A 65 -11.18 15.59 23.65
N ASP A 66 -10.51 15.85 22.52
CA ASP A 66 -9.33 16.70 22.48
C ASP A 66 -9.79 18.07 21.98
N GLU A 67 -10.16 18.94 22.92
CA GLU A 67 -10.76 20.22 22.60
C GLU A 67 -9.82 21.17 21.87
N CYS A 68 -8.54 20.80 21.72
CA CYS A 68 -7.60 21.58 20.93
C CYS A 68 -7.43 21.04 19.51
N ARG A 69 -7.85 19.81 19.26
CA ARG A 69 -7.52 19.10 18.05
C ARG A 69 -8.64 19.21 17.03
N PHE A 70 -8.26 19.41 15.77
CA PHE A 70 -9.18 19.33 14.65
C PHE A 70 -8.48 18.65 13.49
N ASP A 71 -9.22 17.82 12.77
CA ASP A 71 -8.65 16.98 11.72
C ASP A 71 -9.17 17.42 10.36
N ILE A 72 -8.30 17.35 9.36
CA ILE A 72 -8.62 17.73 8.00
C ILE A 72 -8.31 16.55 7.10
N SER A 73 -9.33 15.98 6.47
CA SER A 73 -9.21 14.75 5.70
C SER A 73 -9.71 14.97 4.29
N VAL A 74 -8.90 14.55 3.32
CA VAL A 74 -9.28 14.49 1.91
C VAL A 74 -9.07 13.04 1.48
N ASN A 75 -10.14 12.25 1.50
CA ASN A 75 -10.03 10.80 1.29
C ASN A 75 -9.13 10.25 2.40
N ASP A 76 -8.32 9.22 2.09
CA ASP A 76 -7.47 8.61 3.11
C ASP A 76 -6.37 9.53 3.60
N SER A 77 -6.19 10.70 2.99
CA SER A 77 -5.17 11.66 3.40
C SER A 77 -5.73 12.54 4.51
N VAL A 78 -5.06 12.57 5.66
CA VAL A 78 -5.56 13.22 6.86
C VAL A 78 -4.46 14.06 7.50
N TRP A 79 -4.81 15.28 7.90
CA TRP A 79 -3.98 16.12 8.74
C TRP A 79 -4.56 16.18 10.14
N TYR A 80 -3.70 16.09 11.15
CA TYR A 80 -4.11 16.20 12.55
C TYR A 80 -3.44 17.42 13.15
N LEU A 81 -4.24 18.40 13.57
CA LEU A 81 -3.76 19.69 14.02
C LEU A 81 -4.31 20.00 15.41
N ARG A 82 -3.46 20.62 16.24
CA ARG A 82 -3.87 21.09 17.56
C ARG A 82 -3.55 22.56 17.70
N ALA A 83 -4.57 23.37 18.00
CA ALA A 83 -4.37 24.73 18.42
C ALA A 83 -4.02 24.75 19.92
N GLN A 84 -3.82 25.95 20.48
CA GLN A 84 -3.44 26.03 21.87
C GLN A 84 -4.62 25.99 22.84
N ASP A 85 -5.84 26.23 22.36
CA ASP A 85 -7.03 26.10 23.20
C ASP A 85 -8.26 26.05 22.31
N PRO A 86 -9.43 25.65 22.84
CA PRO A 86 -10.64 25.60 22.00
C PRO A 86 -10.96 26.91 21.30
N ASP A 87 -10.69 28.05 21.93
CA ASP A 87 -10.94 29.33 21.27
C ASP A 87 -10.09 29.47 20.00
N HIS A 88 -8.80 29.18 20.11
CA HIS A 88 -7.92 29.27 18.95
C HIS A 88 -8.30 28.24 17.89
N ARG A 89 -8.77 27.06 18.31
CA ARG A 89 -9.19 26.05 17.35
C ARG A 89 -10.36 26.55 16.51
N GLN A 90 -11.36 27.14 17.16
CA GLN A 90 -12.56 27.55 16.43
C GLN A 90 -12.25 28.62 15.40
N GLN A 91 -11.33 29.53 15.71
CA GLN A 91 -10.94 30.54 14.72
C GLN A 91 -10.34 29.89 13.48
N TRP A 92 -9.46 28.90 13.67
CA TRP A 92 -8.87 28.21 12.52
C TRP A 92 -9.92 27.42 11.75
N ILE A 93 -10.83 26.74 12.46
CA ILE A 93 -11.86 25.97 11.78
C ILE A 93 -12.73 26.88 10.92
N ASP A 94 -13.18 28.00 11.50
CA ASP A 94 -14.05 28.90 10.77
C ASP A 94 -13.34 29.50 9.56
N ALA A 95 -12.06 29.84 9.70
CA ALA A 95 -11.32 30.41 8.59
C ALA A 95 -11.22 29.43 7.42
N ILE A 96 -10.97 28.16 7.71
CA ILE A 96 -10.81 27.17 6.66
C ILE A 96 -12.13 26.92 5.94
N GLU A 97 -13.24 26.92 6.68
CA GLU A 97 -14.54 26.74 6.04
C GLU A 97 -14.90 27.96 5.19
N GLN A 98 -14.68 29.16 5.70
CA GLN A 98 -14.97 30.37 4.94
C GLN A 98 -14.10 30.45 3.69
N HIS A 99 -12.82 30.14 3.82
CA HIS A 99 -11.92 30.16 2.66
C HIS A 99 -12.35 29.13 1.62
N LYS A 100 -12.67 27.91 2.07
CA LYS A 100 -13.11 26.87 1.15
C LYS A 100 -14.37 27.31 0.39
N THR A 101 -15.34 27.86 1.11
CA THR A 101 -16.61 28.23 0.48
C THR A 101 -16.41 29.37 -0.51
N GLU A 102 -15.64 30.39 -0.13
CA GLU A 102 -15.41 31.52 -1.02
C GLU A 102 -14.57 31.14 -2.24
N SER A 103 -13.86 30.01 -2.18
CA SER A 103 -13.11 29.53 -3.32
C SER A 103 -13.95 28.67 -4.26
N GLY A 104 -14.91 27.92 -3.72
CA GLY A 104 -15.77 27.08 -4.53
C GLY A 104 -16.73 27.87 -5.39
N THR B 12 26.70 -9.30 -3.17
CA THR B 12 25.85 -8.61 -4.13
C THR B 12 25.61 -9.50 -5.35
N HIS B 13 24.42 -10.07 -5.41
CA HIS B 13 24.07 -11.07 -6.42
C HIS B 13 23.91 -10.42 -7.80
N ARG B 14 23.66 -11.28 -8.79
CA ARG B 14 23.61 -10.89 -10.19
C ARG B 14 22.26 -10.29 -10.61
N PHE B 15 21.24 -10.35 -9.75
CA PHE B 15 19.93 -9.80 -10.08
C PHE B 15 19.70 -8.43 -9.46
N VAL B 16 20.73 -7.81 -8.89
CA VAL B 16 20.53 -6.57 -8.14
C VAL B 16 19.95 -5.50 -9.04
N GLN B 17 20.57 -5.25 -10.20
CA GLN B 17 20.04 -4.23 -11.10
C GLN B 17 18.62 -4.58 -11.53
N LYS B 18 18.37 -5.85 -11.85
CA LYS B 18 17.02 -6.27 -12.20
C LYS B 18 16.04 -5.97 -11.08
N VAL B 19 16.42 -6.26 -9.83
CA VAL B 19 15.55 -5.98 -8.70
C VAL B 19 15.28 -4.48 -8.59
N GLU B 20 16.33 -3.67 -8.73
CA GLU B 20 16.16 -2.22 -8.66
C GLU B 20 15.15 -1.73 -9.70
N GLU B 21 15.24 -2.25 -10.92
CA GLU B 21 14.32 -1.83 -11.97
C GLU B 21 12.89 -2.23 -11.67
N MET B 22 12.68 -3.47 -11.20
CA MET B 22 11.33 -3.93 -10.89
C MET B 22 10.71 -3.11 -9.76
N VAL B 23 11.45 -2.94 -8.67
CA VAL B 23 10.96 -2.14 -7.54
C VAL B 23 10.65 -0.72 -8.00
N GLN B 24 11.57 -0.12 -8.75
CA GLN B 24 11.38 1.25 -9.23
C GLN B 24 10.11 1.35 -10.06
N ASN B 25 9.91 0.42 -11.00
CA ASN B 25 8.74 0.47 -11.86
C ASN B 25 7.46 0.36 -11.05
N HIS B 26 7.43 -0.54 -10.07
CA HIS B 26 6.25 -0.67 -9.23
C HIS B 26 6.01 0.58 -8.40
N MET B 27 7.07 1.14 -7.83
CA MET B 27 6.93 2.36 -7.03
C MET B 27 6.50 3.55 -7.88
N THR B 28 6.76 3.52 -9.18
CA THR B 28 6.43 4.65 -10.05
C THR B 28 5.05 4.53 -10.67
N TYR B 29 4.60 3.31 -11.00
CA TYR B 29 3.39 3.13 -11.79
C TYR B 29 2.32 2.29 -11.13
N SER B 30 2.62 1.57 -10.04
CA SER B 30 1.62 0.71 -9.42
C SER B 30 0.87 1.39 -8.29
N LEU B 31 1.48 2.37 -7.62
CA LEU B 31 0.82 3.07 -6.54
C LEU B 31 -0.26 4.04 -7.02
N GLN B 32 -0.28 4.36 -8.30
CA GLN B 32 -1.24 5.33 -8.81
C GLN B 32 -2.66 4.82 -8.61
N ASP B 33 -3.49 5.64 -7.97
CA ASP B 33 -4.90 5.32 -7.85
C ASP B 33 -5.52 5.11 -9.22
N VAL B 34 -6.66 4.43 -9.23
CA VAL B 34 -7.37 4.13 -10.47
C VAL B 34 -7.68 5.42 -11.22
N GLY B 36 -5.44 4.44 -14.93
CA GLY B 36 -6.22 4.44 -16.15
C GLY B 36 -7.71 4.43 -15.89
N ASP B 37 -8.08 4.78 -14.66
CA ASP B 37 -9.47 4.82 -14.20
C ASP B 37 -10.39 3.85 -14.93
N ALA B 38 -11.24 4.36 -15.82
CA ALA B 38 -12.22 3.48 -16.48
C ALA B 38 -11.55 2.36 -17.26
N ASN B 39 -10.26 2.48 -17.57
CA ASN B 39 -9.52 1.36 -18.15
C ASN B 39 -9.48 0.19 -17.19
N TRP B 40 -9.51 0.45 -15.88
CA TRP B 40 -9.61 -0.58 -14.86
C TRP B 40 -11.06 -0.82 -14.50
N GLN B 41 -11.44 -2.10 -14.36
CA GLN B 41 -12.81 -2.50 -14.11
C GLN B 41 -12.91 -3.10 -12.71
N LEU B 42 -13.73 -2.48 -11.86
CA LEU B 42 -13.97 -3.00 -10.53
C LEU B 42 -14.79 -4.28 -10.62
N VAL B 43 -14.22 -5.40 -10.18
CA VAL B 43 -14.89 -6.69 -10.24
C VAL B 43 -15.36 -7.17 -8.87
N VAL B 44 -14.74 -6.73 -7.78
CA VAL B 44 -15.11 -7.14 -6.43
C VAL B 44 -14.86 -5.97 -5.50
N GLU B 45 -15.84 -5.68 -4.64
CA GLU B 45 -15.73 -4.63 -3.64
C GLU B 45 -16.37 -5.15 -2.35
N GLU B 46 -15.55 -5.40 -1.33
CA GLU B 46 -16.02 -5.96 -0.08
C GLU B 46 -15.30 -5.21 1.04
N GLY B 47 -16.03 -4.31 1.72
CA GLY B 47 -15.40 -3.48 2.72
C GLY B 47 -14.34 -2.59 2.08
N GLU B 48 -13.17 -2.52 2.71
CA GLU B 48 -12.07 -1.72 2.18
C GLU B 48 -11.36 -2.40 1.02
N MET B 49 -11.63 -3.68 0.76
CA MET B 49 -11.00 -4.38 -0.34
C MET B 49 -11.71 -4.07 -1.65
N LYS B 50 -10.95 -3.63 -2.65
CA LYS B 50 -11.44 -3.43 -4.00
C LYS B 50 -10.51 -4.15 -4.95
N VAL B 51 -11.08 -4.94 -5.87
CA VAL B 51 -10.31 -5.71 -6.83
C VAL B 51 -10.68 -5.23 -8.21
N TYR B 52 -9.69 -4.69 -8.94
CA TYR B 52 -9.89 -4.19 -10.29
C TYR B 52 -9.25 -5.13 -11.30
N ARG B 53 -9.78 -5.12 -12.52
CA ARG B 53 -9.32 -6.01 -13.57
C ARG B 53 -9.26 -5.25 -14.89
N ARG B 54 -8.24 -5.55 -15.69
CA ARG B 54 -8.08 -4.99 -17.02
C ARG B 54 -7.82 -6.13 -17.99
N GLU B 55 -8.33 -5.98 -19.21
CA GLU B 55 -8.20 -7.02 -20.24
C GLU B 55 -7.38 -6.44 -21.38
N VAL B 56 -6.12 -6.87 -21.46
CA VAL B 56 -5.17 -6.31 -22.41
C VAL B 56 -4.74 -7.40 -23.39
N GLU B 57 -4.38 -6.97 -24.60
CA GLU B 57 -3.88 -7.87 -25.63
C GLU B 57 -2.67 -7.23 -26.29
N GLU B 58 -1.51 -7.87 -26.17
CA GLU B 58 -0.28 -7.35 -26.74
C GLU B 58 0.60 -8.52 -27.17
N ASN B 59 1.19 -8.41 -28.36
CA ASN B 59 2.14 -9.39 -28.86
C ASN B 59 1.48 -10.74 -29.13
N GLY B 60 0.27 -10.70 -29.70
CA GLY B 60 -0.40 -11.92 -30.12
C GLY B 60 -1.02 -12.73 -29.00
N ILE B 61 -1.19 -12.16 -27.81
CA ILE B 61 -1.71 -12.89 -26.66
C ILE B 61 -2.50 -11.92 -25.80
N VAL B 62 -3.60 -12.40 -25.22
CA VAL B 62 -4.45 -11.61 -24.35
C VAL B 62 -4.12 -11.94 -22.90
N LEU B 63 -4.01 -10.91 -22.07
CA LEU B 63 -3.68 -11.04 -20.65
C LEU B 63 -4.72 -10.29 -19.84
N ASP B 64 -4.60 -10.36 -18.51
CA ASP B 64 -5.56 -9.74 -17.60
C ASP B 64 -4.84 -9.20 -16.38
N PRO B 65 -4.27 -8.00 -16.49
CA PRO B 65 -3.63 -7.39 -15.32
C PRO B 65 -4.61 -7.24 -14.15
N LEU B 66 -4.12 -7.57 -12.96
CA LEU B 66 -4.93 -7.51 -11.74
C LEU B 66 -4.38 -6.41 -10.84
N LYS B 67 -5.28 -5.62 -10.27
CA LYS B 67 -4.89 -4.61 -9.29
C LYS B 67 -5.95 -4.55 -8.21
N ALA B 68 -5.51 -4.50 -6.95
CA ALA B 68 -6.43 -4.46 -5.83
C ALA B 68 -5.89 -3.56 -4.74
N THR B 69 -6.80 -2.97 -3.96
CA THR B 69 -6.44 -2.11 -2.85
C THR B 69 -7.17 -2.60 -1.61
N HIS B 70 -6.58 -2.33 -0.44
CA HIS B 70 -7.15 -2.79 0.82
C HIS B 70 -6.59 -1.94 1.95
N ALA B 71 -7.41 -1.75 2.98
CA ALA B 71 -7.01 -1.07 4.20
C ALA B 71 -7.21 -2.03 5.35
N VAL B 72 -6.13 -2.31 6.09
CA VAL B 72 -6.13 -3.34 7.13
C VAL B 72 -5.79 -2.68 8.45
N LYS B 73 -6.72 -2.74 9.40
CA LYS B 73 -6.53 -2.11 10.70
C LYS B 73 -5.63 -2.97 11.59
N GLY B 74 -4.83 -2.30 12.41
CA GLY B 74 -4.06 -2.96 13.44
C GLY B 74 -2.80 -3.66 12.98
N VAL B 75 -2.34 -3.41 11.77
CA VAL B 75 -1.09 -3.99 11.28
C VAL B 75 -0.32 -2.92 10.52
N THR B 76 1.00 -3.07 10.49
CA THR B 76 1.87 -2.16 9.78
C THR B 76 2.22 -2.72 8.41
N GLY B 77 2.66 -1.83 7.52
CA GLY B 77 3.13 -2.28 6.22
C GLY B 77 4.31 -3.21 6.34
N HIS B 78 5.19 -2.97 7.31
CA HIS B 78 6.32 -3.85 7.54
C HIS B 78 5.85 -5.26 7.90
N GLU B 79 4.85 -5.35 8.79
CA GLU B 79 4.37 -6.66 9.21
C GLU B 79 3.69 -7.41 8.06
N VAL B 80 2.88 -6.70 7.27
CA VAL B 80 2.17 -7.36 6.17
C VAL B 80 3.17 -7.96 5.18
N CYS B 81 4.16 -7.16 4.77
CA CYS B 81 5.13 -7.63 3.78
C CYS B 81 5.99 -8.77 4.32
N ASN B 82 6.32 -8.72 5.61
CA ASN B 82 7.07 -9.83 6.20
C ASN B 82 6.32 -11.14 6.04
N TYR B 83 5.04 -11.17 6.45
CA TYR B 83 4.27 -12.41 6.35
C TYR B 83 4.01 -12.81 4.91
N PHE B 84 3.89 -11.84 4.00
CA PHE B 84 3.71 -12.18 2.59
C PHE B 84 4.97 -12.80 2.01
N TRP B 85 6.14 -12.42 2.52
CA TRP B 85 7.41 -12.88 1.97
C TRP B 85 7.95 -14.12 2.66
N ASN B 86 7.66 -14.30 3.94
CA ASN B 86 8.23 -15.39 4.73
C ASN B 86 7.68 -16.72 4.24
N VAL B 87 8.52 -17.51 3.56
CA VAL B 87 8.09 -18.82 3.07
C VAL B 87 7.71 -19.75 4.20
N ASP B 88 8.22 -19.51 5.41
CA ASP B 88 8.00 -20.43 6.52
C ASP B 88 6.54 -20.45 6.98
N VAL B 89 5.75 -19.43 6.66
CA VAL B 89 4.36 -19.34 7.06
C VAL B 89 3.42 -19.43 5.87
N ARG B 90 3.96 -19.69 4.67
CA ARG B 90 3.12 -19.75 3.48
C ARG B 90 2.02 -20.79 3.63
N ASN B 91 2.34 -21.96 4.19
CA ASN B 91 1.35 -23.02 4.33
C ASN B 91 0.22 -22.65 5.28
N ASP B 92 0.37 -21.59 6.08
CA ASP B 92 -0.65 -21.22 7.04
C ASP B 92 -1.78 -20.40 6.43
N TRP B 93 -1.58 -19.82 5.24
CA TRP B 93 -2.60 -18.98 4.62
C TRP B 93 -2.77 -19.21 3.13
N GLU B 94 -1.75 -19.65 2.41
CA GLU B 94 -1.88 -19.92 0.98
C GLU B 94 -2.61 -21.24 0.77
N THR B 95 -3.48 -21.27 -0.23
CA THR B 95 -4.32 -22.44 -0.48
C THR B 95 -4.29 -22.93 -1.92
N THR B 96 -3.52 -22.31 -2.81
CA THR B 96 -3.43 -22.75 -4.20
C THR B 96 -2.11 -23.43 -4.54
N ILE B 97 -1.05 -23.22 -3.76
CA ILE B 97 0.23 -23.84 -4.04
C ILE B 97 0.17 -25.31 -3.66
N GLU B 98 0.67 -26.17 -4.54
CA GLU B 98 0.77 -27.60 -4.27
C GLU B 98 2.09 -27.93 -3.58
N ASN B 99 3.19 -27.41 -4.10
CA ASN B 99 4.50 -27.59 -3.50
C ASN B 99 5.40 -26.44 -3.95
N PHE B 100 6.46 -26.22 -3.17
CA PHE B 100 7.43 -25.19 -3.53
C PHE B 100 8.69 -25.40 -2.71
N HIS B 101 9.77 -24.78 -3.16
CA HIS B 101 11.02 -24.80 -2.43
C HIS B 101 11.86 -23.61 -2.88
N VAL B 102 12.85 -23.27 -2.05
CA VAL B 102 13.76 -22.18 -2.37
C VAL B 102 14.87 -22.73 -3.27
N VAL B 103 14.94 -22.21 -4.49
CA VAL B 103 15.96 -22.66 -5.43
C VAL B 103 17.31 -22.06 -5.08
N GLU B 104 17.34 -20.80 -4.68
CA GLU B 104 18.58 -20.10 -4.42
C GLU B 104 18.32 -18.96 -3.44
N THR B 105 19.25 -18.78 -2.51
CA THR B 105 19.25 -17.66 -1.59
C THR B 105 20.21 -16.61 -2.12
N LEU B 106 19.67 -15.49 -2.60
CA LEU B 106 20.49 -14.41 -3.14
C LEU B 106 20.96 -13.44 -2.07
N ALA B 107 20.15 -13.21 -1.04
CA ALA B 107 20.53 -12.34 0.08
C ALA B 107 19.50 -12.54 1.18
N ASP B 108 19.70 -11.84 2.30
CA ASP B 108 18.78 -11.94 3.43
C ASP B 108 17.35 -11.59 3.05
N ASN B 109 17.15 -10.85 1.96
CA ASN B 109 15.82 -10.37 1.58
C ASN B 109 15.47 -10.72 0.13
N ALA B 110 16.19 -11.66 -0.48
CA ALA B 110 15.97 -12.00 -1.88
C ALA B 110 16.24 -13.48 -2.09
N ILE B 111 15.25 -14.19 -2.64
CA ILE B 111 15.33 -15.62 -2.88
C ILE B 111 14.64 -15.93 -4.19
N ILE B 112 15.05 -17.04 -4.81
CA ILE B 112 14.40 -17.56 -6.00
C ILE B 112 13.59 -18.78 -5.59
N ILE B 113 12.29 -18.76 -5.90
CA ILE B 113 11.36 -19.80 -5.47
C ILE B 113 10.85 -20.52 -6.71
N TYR B 114 10.74 -21.83 -6.61
CA TYR B 114 10.02 -22.64 -7.58
C TYR B 114 8.82 -23.24 -6.88
N GLN B 115 7.65 -23.15 -7.52
CA GLN B 115 6.43 -23.67 -6.91
C GLN B 115 5.51 -24.21 -8.00
N THR B 116 4.73 -25.22 -7.62
CA THR B 116 3.68 -25.77 -8.46
C THR B 116 2.34 -25.43 -7.83
N HIS B 117 1.38 -25.05 -8.66
CA HIS B 117 0.03 -24.75 -8.21
C HIS B 117 -0.86 -25.96 -8.42
N LYS B 118 -1.78 -26.18 -7.49
CA LYS B 118 -2.77 -27.24 -7.65
C LYS B 118 -3.52 -27.04 -8.96
N ARG B 119 -3.76 -28.14 -9.66
CA ARG B 119 -4.38 -28.06 -10.98
C ARG B 119 -5.81 -27.55 -10.86
N VAL B 120 -6.10 -26.46 -11.57
CA VAL B 120 -7.46 -25.95 -11.67
C VAL B 120 -8.12 -26.71 -12.82
N TRP B 121 -8.64 -27.89 -12.50
CA TRP B 121 -9.28 -28.75 -13.49
C TRP B 121 -10.28 -27.97 -14.34
N PRO B 122 -10.28 -28.21 -15.67
CA PRO B 122 -9.46 -29.18 -16.39
C PRO B 122 -8.22 -28.57 -17.05
N ALA B 123 -7.86 -27.36 -16.65
CA ALA B 123 -6.69 -26.70 -17.23
C ALA B 123 -5.41 -27.39 -16.79
N SER B 124 -4.40 -27.37 -17.67
CA SER B 124 -3.10 -27.93 -17.33
C SER B 124 -2.56 -27.30 -16.06
N GLN B 125 -1.78 -28.08 -15.32
CA GLN B 125 -1.17 -27.58 -14.10
C GLN B 125 -0.10 -26.53 -14.43
N ARG B 126 0.01 -25.53 -13.58
CA ARG B 126 0.97 -24.45 -13.76
C ARG B 126 2.05 -24.51 -12.69
N ASP B 127 3.29 -24.25 -13.09
CA ASP B 127 4.38 -23.97 -12.17
C ASP B 127 4.96 -22.61 -12.52
N VAL B 128 5.75 -22.06 -11.61
CA VAL B 128 6.31 -20.73 -11.77
C VAL B 128 7.67 -20.69 -11.09
N LEU B 129 8.57 -19.88 -11.65
CA LEU B 129 9.91 -19.70 -11.13
C LEU B 129 10.16 -18.20 -11.02
N TYR B 130 10.30 -17.70 -9.79
CA TYR B 130 10.31 -16.26 -9.59
C TYR B 130 11.25 -15.86 -8.47
N LEU B 131 11.77 -14.65 -8.57
CA LEU B 131 12.59 -14.04 -7.53
C LEU B 131 11.66 -13.26 -6.60
N SER B 132 11.79 -13.50 -5.30
CA SER B 132 10.97 -12.83 -4.29
C SER B 132 11.85 -11.96 -3.42
N VAL B 133 11.57 -10.66 -3.40
CA VAL B 133 12.40 -9.70 -2.69
C VAL B 133 11.52 -8.77 -1.87
N ILE B 134 11.93 -8.52 -0.64
CA ILE B 134 11.24 -7.60 0.26
C ILE B 134 12.20 -6.46 0.58
N ARG B 135 11.72 -5.23 0.44
CA ARG B 135 12.57 -4.07 0.59
C ARG B 135 11.78 -2.91 1.17
N LYS B 136 12.45 -2.08 1.95
CA LYS B 136 11.87 -0.86 2.48
C LYS B 136 12.22 0.32 1.59
N ILE B 137 11.21 1.14 1.30
CA ILE B 137 11.42 2.40 0.57
C ILE B 137 11.49 3.51 1.61
N PRO B 138 12.69 4.03 1.93
CA PRO B 138 12.78 5.04 2.99
C PRO B 138 11.97 6.28 2.64
N ALA B 139 11.46 6.92 3.69
CA ALA B 139 10.71 8.16 3.52
C ALA B 139 11.66 9.34 3.41
N LEU B 140 11.46 10.16 2.38
CA LEU B 140 12.33 11.30 2.15
C LEU B 140 12.06 12.46 3.09
N THR B 141 10.86 12.55 3.66
CA THR B 141 10.50 13.63 4.57
C THR B 141 9.63 13.05 5.69
N GLU B 142 9.24 13.92 6.61
CA GLU B 142 8.33 13.52 7.68
C GLU B 142 6.91 13.34 7.17
N ASN B 143 6.57 13.95 6.04
CA ASN B 143 5.23 13.84 5.49
C ASN B 143 5.04 12.57 4.67
N ASP B 144 6.10 12.12 3.99
CA ASP B 144 6.00 10.89 3.22
C ASP B 144 5.97 9.68 4.14
N PRO B 145 5.09 8.71 3.90
CA PRO B 145 5.04 7.54 4.78
C PRO B 145 6.08 6.50 4.40
N GLU B 146 6.44 5.68 5.39
CA GLU B 146 7.35 4.58 5.12
C GLU B 146 6.63 3.49 4.34
N THR B 147 7.22 3.10 3.21
CA THR B 147 6.64 2.10 2.33
C THR B 147 7.48 0.83 2.36
N TRP B 148 6.80 -0.30 2.44
CA TRP B 148 7.42 -1.61 2.29
C TRP B 148 6.84 -2.28 1.06
N ILE B 149 7.67 -3.06 0.36
CA ILE B 149 7.26 -3.69 -0.89
C ILE B 149 7.82 -5.10 -0.96
N VAL B 150 7.02 -6.00 -1.50
CA VAL B 150 7.45 -7.35 -1.88
C VAL B 150 7.18 -7.50 -3.37
N CYS B 151 8.23 -7.77 -4.13
N CYS B 151 8.25 -7.78 -4.13
CA CYS B 151 8.10 -8.00 -5.57
CA CYS B 151 8.16 -7.99 -5.57
C CYS B 151 8.44 -9.43 -5.90
C CYS B 151 8.43 -9.46 -5.88
N ASN B 152 7.54 -10.08 -6.65
CA ASN B 152 7.71 -11.45 -7.13
C ASN B 152 7.63 -11.39 -8.65
N PHE B 153 8.75 -11.63 -9.33
CA PHE B 153 8.78 -11.62 -10.78
C PHE B 153 9.57 -12.81 -11.29
N SER B 154 9.19 -13.28 -12.48
CA SER B 154 9.74 -14.50 -13.02
C SER B 154 11.19 -14.30 -13.47
N VAL B 155 12.00 -15.34 -13.27
CA VAL B 155 13.38 -15.38 -13.73
C VAL B 155 13.68 -16.80 -14.19
N ASP B 156 14.79 -16.94 -14.91
CA ASP B 156 15.26 -18.24 -15.36
C ASP B 156 16.34 -18.76 -14.41
N HIS B 157 16.42 -20.09 -14.30
CA HIS B 157 17.39 -20.73 -13.43
C HIS B 157 17.56 -22.17 -13.87
N ASP B 158 18.81 -22.62 -14.01
CA ASP B 158 19.08 -23.94 -14.55
C ASP B 158 18.57 -25.06 -13.66
N SER B 159 18.36 -24.78 -12.37
CA SER B 159 17.86 -25.81 -11.45
C SER B 159 16.36 -26.04 -11.60
N ALA B 160 15.64 -25.13 -12.26
CA ALA B 160 14.20 -25.25 -12.44
C ALA B 160 13.85 -25.03 -13.92
N PRO B 161 14.33 -25.91 -14.80
CA PRO B 161 14.04 -25.77 -16.23
C PRO B 161 12.59 -26.13 -16.54
N LEU B 162 12.19 -25.78 -17.75
CA LEU B 162 10.87 -26.16 -18.24
C LEU B 162 10.72 -27.68 -18.22
N ASN B 163 9.55 -28.14 -17.82
CA ASN B 163 9.23 -29.56 -17.83
C ASN B 163 7.94 -29.78 -18.61
N ASN B 164 7.63 -31.05 -18.83
CA ASN B 164 6.42 -31.45 -19.56
C ASN B 164 5.29 -31.85 -18.64
N ARG B 165 5.43 -31.62 -17.34
CA ARG B 165 4.36 -31.87 -16.39
C ARG B 165 3.53 -30.63 -16.08
N CYS B 166 4.10 -29.44 -16.28
CA CYS B 166 3.43 -28.19 -15.94
C CYS B 166 3.64 -27.17 -17.05
N VAL B 167 2.76 -26.18 -17.07
CA VAL B 167 2.87 -25.04 -17.98
C VAL B 167 3.54 -23.91 -17.20
N ARG B 168 4.66 -23.42 -17.72
CA ARG B 168 5.44 -22.39 -17.04
C ARG B 168 4.76 -21.05 -17.22
N ALA B 169 4.27 -20.47 -16.12
CA ALA B 169 3.66 -19.15 -16.16
C ALA B 169 4.69 -18.08 -15.83
N LYS B 170 4.46 -16.89 -16.36
CA LYS B 170 5.30 -15.73 -16.11
C LYS B 170 4.50 -14.72 -15.30
N ILE B 171 5.10 -14.22 -14.21
CA ILE B 171 4.41 -13.34 -13.28
C ILE B 171 5.23 -12.09 -13.03
N ASN B 172 4.53 -11.00 -12.78
CA ASN B 172 5.09 -9.79 -12.19
C ASN B 172 4.11 -9.37 -11.10
N VAL B 173 4.42 -9.69 -9.85
CA VAL B 173 3.54 -9.46 -8.71
C VAL B 173 4.22 -8.51 -7.74
N ALA B 174 3.45 -7.60 -7.17
CA ALA B 174 3.95 -6.67 -6.17
C ALA B 174 2.88 -6.39 -5.13
N MET B 175 3.27 -6.40 -3.86
CA MET B 175 2.43 -5.92 -2.77
C MET B 175 3.13 -4.74 -2.12
N ILE B 176 2.50 -3.58 -2.17
CA ILE B 176 3.08 -2.33 -1.68
C ILE B 176 2.24 -1.87 -0.50
N CYS B 177 2.87 -1.72 0.66
CA CYS B 177 2.18 -1.42 1.90
C CYS B 177 2.68 -0.12 2.51
N GLN B 178 1.74 0.68 3.00
CA GLN B 178 2.05 1.93 3.70
C GLN B 178 1.25 1.97 4.99
N THR B 179 1.89 2.46 6.06
CA THR B 179 1.29 2.48 7.38
C THR B 179 0.80 3.89 7.70
N LEU B 180 -0.51 4.03 7.92
CA LEU B 180 -1.11 5.27 8.37
C LEU B 180 -1.33 5.21 9.87
N VAL B 181 -0.84 6.22 10.57
CA VAL B 181 -0.92 6.29 12.04
C VAL B 181 -1.72 7.52 12.42
N SER B 182 -2.69 7.33 13.32
CA SER B 182 -3.46 8.43 13.87
C SER B 182 -3.01 8.76 15.28
N PRO B 183 -3.13 10.00 15.72
CA PRO B 183 -2.66 10.35 17.07
C PRO B 183 -3.38 9.56 18.14
N PRO B 184 -2.66 8.93 19.06
CA PRO B 184 -3.33 8.24 20.18
C PRO B 184 -3.97 9.24 21.12
N GLU B 185 -4.76 8.71 22.04
CA GLU B 185 -5.44 9.55 23.02
C GLU B 185 -4.42 10.20 23.94
N GLY B 186 -4.48 11.52 24.05
CA GLY B 186 -3.57 12.22 24.93
C GLY B 186 -2.13 12.05 24.50
N ASN B 187 -1.27 11.72 25.46
CA ASN B 187 0.16 11.57 25.22
C ASN B 187 0.59 10.10 25.32
N GLN B 188 -0.29 9.18 24.97
CA GLN B 188 -0.04 7.76 25.17
C GLN B 188 0.79 7.19 24.02
N GLU B 189 1.42 6.05 24.29
CA GLU B 189 2.16 5.34 23.27
C GLU B 189 1.22 4.83 22.19
N ILE B 190 1.73 4.74 20.97
CA ILE B 190 0.94 4.22 19.85
C ILE B 190 0.54 2.78 20.15
N SER B 191 -0.71 2.46 19.84
CA SER B 191 -1.23 1.09 19.94
C SER B 191 -1.78 0.67 18.59
N ARG B 192 -2.19 -0.59 18.49
CA ARG B 192 -2.68 -1.09 17.22
C ARG B 192 -4.03 -0.49 16.84
N ASP B 193 -4.74 0.16 17.77
CA ASP B 193 -5.95 0.89 17.42
C ASP B 193 -5.67 2.16 16.64
N ASN B 194 -4.41 2.57 16.51
CA ASN B 194 -4.05 3.81 15.84
C ASN B 194 -3.37 3.60 14.50
N ILE B 195 -3.20 2.36 14.04
CA ILE B 195 -2.45 2.08 12.83
C ILE B 195 -3.37 1.47 11.79
N LEU B 196 -3.06 1.76 10.52
CA LEU B 196 -3.82 1.26 9.38
C LEU B 196 -2.85 1.00 8.24
N CYS B 197 -2.93 -0.19 7.64
CA CYS B 197 -2.05 -0.57 6.55
C CYS B 197 -2.77 -0.39 5.22
N LYS B 198 -2.26 0.51 4.38
CA LYS B 198 -2.76 0.69 3.03
C LYS B 198 -2.04 -0.28 2.12
N ILE B 199 -2.77 -1.23 1.54
CA ILE B 199 -2.20 -2.28 0.71
C ILE B 199 -2.58 -1.99 -0.74
N THR B 200 -1.58 -1.97 -1.60
CA THR B 200 -1.78 -2.02 -3.05
C THR B 200 -1.19 -3.33 -3.54
N TYR B 201 -2.01 -4.13 -4.21
CA TYR B 201 -1.59 -5.42 -4.75
C TYR B 201 -1.83 -5.42 -6.25
N VAL B 202 -0.80 -5.73 -7.02
CA VAL B 202 -0.90 -5.86 -8.47
C VAL B 202 -0.33 -7.21 -8.88
N ALA B 203 -0.95 -7.81 -9.88
CA ALA B 203 -0.52 -9.11 -10.39
C ALA B 203 -0.72 -9.13 -11.90
N ASN B 204 0.37 -9.31 -12.63
CA ASN B 204 0.34 -9.48 -14.08
C ASN B 204 0.83 -10.90 -14.36
N VAL B 205 -0.11 -11.78 -14.67
CA VAL B 205 0.18 -13.20 -14.86
C VAL B 205 -0.01 -13.56 -16.33
N ASN B 206 0.96 -14.26 -16.89
CA ASN B 206 0.84 -14.86 -18.21
C ASN B 206 0.64 -16.37 -18.03
N PRO B 207 -0.59 -16.88 -18.16
CA PRO B 207 -0.80 -18.31 -17.88
C PRO B 207 0.10 -19.23 -18.69
N GLY B 208 0.43 -18.85 -19.93
CA GLY B 208 1.30 -19.64 -20.76
C GLY B 208 0.64 -20.71 -21.59
N GLY B 209 -0.67 -20.89 -21.45
CA GLY B 209 -1.38 -21.92 -22.20
C GLY B 209 -2.47 -21.37 -23.10
N TRP B 210 -3.51 -22.15 -23.33
CA TRP B 210 -4.62 -21.77 -24.20
C TRP B 210 -5.96 -22.04 -23.51
N ALA B 211 -6.02 -21.78 -22.21
CA ALA B 211 -7.27 -21.98 -21.48
C ALA B 211 -8.27 -20.89 -21.84
N PRO B 212 -9.55 -21.23 -21.95
CA PRO B 212 -10.55 -20.22 -22.30
C PRO B 212 -10.60 -19.11 -21.26
N ALA B 213 -10.94 -17.90 -21.73
CA ALA B 213 -10.91 -16.73 -20.87
C ALA B 213 -11.97 -16.81 -19.77
N SER B 214 -13.19 -17.26 -20.11
CA SER B 214 -14.26 -17.33 -19.13
C SER B 214 -13.83 -18.10 -17.88
N VAL B 215 -13.12 -19.22 -18.06
CA VAL B 215 -12.66 -20.00 -16.92
C VAL B 215 -11.55 -19.27 -16.19
N LEU B 216 -10.63 -18.64 -16.94
CA LEU B 216 -9.50 -17.96 -16.31
C LEU B 216 -9.94 -16.72 -15.54
N ARG B 217 -10.93 -16.00 -16.07
CA ARG B 217 -11.37 -14.77 -15.44
C ARG B 217 -12.29 -15.05 -14.25
N ALA B 218 -13.18 -16.03 -14.38
CA ALA B 218 -14.02 -16.42 -13.24
C ALA B 218 -13.17 -16.92 -12.09
N VAL B 219 -12.14 -17.72 -12.39
CA VAL B 219 -11.25 -18.22 -11.35
C VAL B 219 -10.49 -17.07 -10.68
N ALA B 220 -10.10 -16.06 -11.46
CA ALA B 220 -9.39 -14.93 -10.88
C ALA B 220 -10.32 -14.06 -10.03
N LYS B 221 -11.54 -13.84 -10.52
CA LYS B 221 -12.54 -13.12 -9.72
C LYS B 221 -12.90 -13.86 -8.45
N ARG B 222 -12.53 -15.12 -8.32
CA ARG B 222 -12.86 -15.95 -7.17
C ARG B 222 -11.69 -16.11 -6.21
N GLU B 223 -10.48 -16.29 -6.71
CA GLU B 223 -9.33 -16.61 -5.87
C GLU B 223 -8.61 -15.39 -5.32
N TYR B 224 -8.62 -14.26 -6.05
CA TYR B 224 -7.93 -13.08 -5.55
C TYR B 224 -8.63 -12.47 -4.35
N PRO B 225 -9.94 -12.21 -4.38
CA PRO B 225 -10.63 -11.79 -3.15
C PRO B 225 -10.40 -12.74 -1.98
N LYS B 226 -10.51 -14.05 -2.22
CA LYS B 226 -10.36 -15.03 -1.14
C LYS B 226 -8.97 -14.97 -0.53
N PHE B 227 -7.94 -14.76 -1.36
CA PHE B 227 -6.58 -14.73 -0.84
C PHE B 227 -6.31 -13.46 -0.05
N LEU B 228 -6.78 -12.31 -0.53
CA LEU B 228 -6.57 -11.06 0.17
C LEU B 228 -7.31 -11.05 1.51
N LYS B 229 -8.57 -11.50 1.51
CA LYS B 229 -9.31 -11.57 2.76
C LYS B 229 -8.63 -12.52 3.74
N ARG B 230 -8.21 -13.69 3.27
CA ARG B 230 -7.61 -14.67 4.17
C ARG B 230 -6.22 -14.25 4.60
N PHE B 231 -5.43 -13.68 3.69
CA PHE B 231 -4.07 -13.32 4.04
C PHE B 231 -4.04 -12.17 5.06
N THR B 232 -4.80 -11.10 4.80
CA THR B 232 -4.80 -9.97 5.73
C THR B 232 -5.35 -10.38 7.09
N SER B 233 -6.44 -11.16 7.09
CA SER B 233 -6.97 -11.65 8.36
C SER B 233 -5.95 -12.48 9.11
N TYR B 234 -5.14 -13.26 8.40
CA TYR B 234 -4.09 -14.04 9.04
C TYR B 234 -3.05 -13.14 9.69
N VAL B 235 -2.64 -12.08 8.99
CA VAL B 235 -1.66 -11.15 9.57
C VAL B 235 -2.23 -10.49 10.82
N GLN B 236 -3.51 -10.14 10.79
CA GLN B 236 -4.15 -9.56 11.96
C GLN B 236 -4.06 -10.50 13.16
N GLU B 237 -4.26 -11.80 12.93
CA GLU B 237 -4.30 -12.76 14.03
C GLU B 237 -2.90 -13.03 14.59
N LYS B 238 -1.88 -13.07 13.72
CA LYS B 238 -0.54 -13.34 14.21
C LYS B 238 0.05 -12.16 14.95
N THR B 239 -0.35 -10.94 14.61
CA THR B 239 0.18 -9.75 15.26
C THR B 239 -0.60 -9.34 16.49
N ALA B 240 -1.77 -9.94 16.73
CA ALA B 240 -2.59 -9.55 17.86
C ALA B 240 -1.83 -9.75 19.17
N GLY B 241 -1.83 -8.70 20.00
CA GLY B 241 -1.13 -8.74 21.27
C GLY B 241 0.38 -8.60 21.17
N LYS B 242 0.93 -8.53 19.98
CA LYS B 242 2.36 -8.42 19.82
C LYS B 242 2.77 -6.94 19.71
N PRO B 243 3.96 -6.58 20.17
CA PRO B 243 4.42 -5.20 19.99
C PRO B 243 4.48 -4.84 18.52
N ILE B 244 4.18 -3.57 18.24
CA ILE B 244 4.12 -3.10 16.85
C ILE B 244 5.52 -3.12 16.26
N LEU B 245 5.65 -3.71 15.07
CA LEU B 245 6.88 -3.67 14.28
C LEU B 245 6.65 -2.69 13.15
N PHE B 246 7.16 -1.47 13.31
CA PHE B 246 7.00 -0.44 12.28
C PHE B 246 7.97 -0.67 11.13
C1 PEG C . 0.68 -17.30 -9.91
O1 PEG C . 0.19 -16.35 -9.03
C2 PEG C . -0.53 -18.04 -10.50
O2 PEG C . -0.10 -18.69 -11.68
C3 PEG C . -0.99 -19.68 -12.14
C4 PEG C . -2.23 -18.97 -12.72
O4 PEG C . -2.49 -19.55 -13.93
H11 PEG C . 1.26 -16.82 -10.74
H12 PEG C . 1.38 -18.01 -9.40
HO1 PEG C . 0.95 -15.87 -8.68
H21 PEG C . -0.85 -18.76 -9.72
H22 PEG C . -1.38 -17.36 -10.73
H31 PEG C . -0.48 -20.34 -12.88
H32 PEG C . -1.36 -20.32 -11.30
H41 PEG C . -3.10 -19.04 -12.02
H42 PEG C . -1.98 -17.89 -12.82
HO4 PEG C . -3.13 -18.97 -14.38
C1 PEG D . -6.94 6.67 7.68
O1 PEG D . -8.10 7.38 7.78
C2 PEG D . -6.11 6.96 8.94
O2 PEG D . -6.41 5.98 9.89
C3 PEG D . -5.35 5.70 10.75
C4 PEG D . -5.94 5.20 12.09
O4 PEG D . -6.56 4.01 11.85
H11 PEG D . -7.13 5.57 7.62
H12 PEG D . -6.36 6.94 6.76
HO1 PEG D . -8.54 7.33 6.91
H21 PEG D . -5.03 6.91 8.63
H22 PEG D . -6.29 7.98 9.35
H31 PEG D . -4.66 4.95 10.29
H32 PEG D . -4.76 6.62 10.99
H41 PEG D . -5.13 5.10 12.87
H42 PEG D . -6.65 5.98 12.46
HO4 PEG D . -6.96 3.72 12.69
C1 PEG E . 11.52 -12.30 7.66
O1 PEG E . 10.17 -12.57 7.74
C2 PEG E . 11.67 -11.04 6.79
O2 PEG E . 13.04 -10.85 6.55
C3 PEG E . 13.29 -9.87 5.59
C4 PEG E . 14.78 -9.49 5.71
O4 PEG E . 15.28 -10.11 6.82
H11 PEG E . 11.97 -12.11 8.66
H12 PEG E . 12.07 -13.16 7.20
HO1 PEG E . 9.93 -12.46 8.67
H21 PEG E . 11.12 -11.24 5.84
H22 PEG E . 11.23 -10.13 7.27
H31 PEG E . 13.04 -10.26 4.58
H32 PEG E . 12.70 -8.95 5.78
H41 PEG E . 15.34 -9.76 4.79
H42 PEG E . 14.83 -8.37 5.81
HO4 PEG E . 15.71 -9.43 7.36
C1 PGE F . 3.67 -15.72 -5.41
O1 PGE F . 3.23 -14.52 -5.99
C2 PGE F . 3.31 -15.74 -3.95
O2 PGE F . 2.24 -16.62 -3.72
C3 PGE F . 1.50 -16.31 -2.57
C4 PGE F . 0.35 -15.40 -2.88
O4 PGE F . -1.64 -15.88 -6.31
C6 PGE F . -2.29 -15.16 -5.31
C5 PGE F . -1.73 -15.56 -3.96
O3 PGE F . -0.33 -15.78 -4.05
H1 PGE F . 3.30 -16.51 -5.85
H12 PGE F . 4.63 -15.80 -5.51
HO1 PGE F . 3.13 -14.66 -6.83
H2 PGE F . 4.08 -16.02 -3.44
H22 PGE F . 3.10 -14.85 -3.60
H3 PGE F . 1.20 -17.13 -2.14
H32 PGE F . 2.08 -15.89 -1.92
H4 PGE F . -0.26 -15.39 -2.12
H42 PGE F . 0.67 -14.48 -2.96
HO4 PGE F . -1.70 -15.42 -7.03
H6 PGE F . -3.24 -15.34 -5.32
H62 PGE F . -2.21 -14.20 -5.42
H5 PGE F . -2.16 -16.35 -3.60
H52 PGE F . -1.91 -14.86 -3.32
#